data_3UP8
#
_entry.id   3UP8
#
_cell.length_a   57.283
_cell.length_b   88.768
_cell.length_c   123.638
_cell.angle_alpha   90.00
_cell.angle_beta   90.00
_cell.angle_gamma   90.00
#
_symmetry.space_group_name_H-M   'P 21 21 21'
#
loop_
_entity.id
_entity.type
_entity.pdbx_description
1 polymer 'Putative 2,5-diketo-D-gluconic acid reductase B'
2 non-polymer 'ACETATE ION'
3 water water
#
_entity_poly.entity_id   1
_entity_poly.type   'polypeptide(L)'
_entity_poly.pdbx_seq_one_letter_code
;(MSE)HHHHHHSSGVDLGTENLYFQS(MSE)(MSE)HAVSSNGANIPALGFGTFR(MSE)SGAEVLRILPQALKLGFRHV
DTAQIYGNEAEVGEAIQKSGIPRADVFLTTKVWVDNYRHDAFIASVDESLRKLRTDHVDLLLLHWPGSDVP(MSE)AERI
GALNEVRNAGKVRHIGISNFNTTQ(MSE)EEAARLSDAPIATNQVEYHPYLDQTKVLQTARRLG(MSE)SLTSYYA
(MSE)ANGKVPADPLLTEIGGRHGKTAAQVALRWLVQQQDVIVLSKTATEARLKENFAIFDFALTREE(MSE)AAVRELA
RPNGRIVNPQGLAPEWDA
;
_entity_poly.pdbx_strand_id   A,B
#
# COMPACT_ATOMS: atom_id res chain seq x y z
N LEU A 18 2.67 19.58 35.65
CA LEU A 18 3.50 18.64 36.46
C LEU A 18 4.86 18.49 35.82
N TYR A 19 5.88 18.20 36.63
CA TYR A 19 7.26 18.24 36.15
C TYR A 19 7.56 17.30 34.98
N PHE A 20 6.92 16.13 34.98
CA PHE A 20 7.19 15.11 33.94
C PHE A 20 6.37 15.30 32.64
N GLN A 21 5.39 16.19 32.65
CA GLN A 21 4.52 16.33 31.47
C GLN A 21 5.15 17.21 30.41
N SER A 22 6.24 17.86 30.75
CA SER A 22 7.00 18.69 29.82
C SER A 22 8.23 17.93 29.32
N HIS A 25 8.25 11.19 27.35
CA HIS A 25 7.93 9.95 28.05
C HIS A 25 8.45 8.74 27.29
N ALA A 26 8.63 7.64 28.01
CA ALA A 26 8.75 6.34 27.36
C ALA A 26 7.36 5.74 27.30
N VAL A 27 7.17 4.83 26.36
CA VAL A 27 5.87 4.20 26.14
C VAL A 27 5.99 2.73 26.52
N SER A 28 5.20 2.30 27.51
CA SER A 28 5.17 0.91 27.96
C SER A 28 4.79 0.11 26.75
N SER A 29 5.63 -0.81 26.37
CA SER A 29 5.38 -1.51 25.13
C SER A 29 5.56 -2.96 25.48
N ASN A 30 4.61 -3.48 26.26
CA ASN A 30 4.69 -4.86 26.74
C ASN A 30 6.03 -5.20 27.38
N GLY A 31 6.59 -4.23 28.11
CA GLY A 31 7.85 -4.42 28.84
C GLY A 31 9.08 -3.79 28.22
N ALA A 32 8.94 -3.20 27.02
CA ALA A 32 10.07 -2.61 26.29
C ALA A 32 10.44 -1.13 26.62
N ASN A 33 9.49 -0.35 27.11
CA ASN A 33 9.78 1.06 27.45
C ASN A 33 10.53 1.86 26.39
N ILE A 34 9.80 2.15 25.33
CA ILE A 34 10.37 2.70 24.14
C ILE A 34 10.22 4.22 24.24
N PRO A 35 11.33 4.98 24.07
CA PRO A 35 11.20 6.44 24.10
C PRO A 35 10.18 6.94 23.05
N ALA A 36 9.27 7.81 23.46
CA ALA A 36 8.14 8.22 22.60
C ALA A 36 8.53 8.84 21.25
N LEU A 37 9.71 9.46 21.19
CA LEU A 37 10.19 10.01 19.94
C LEU A 37 11.50 9.35 19.57
N GLY A 38 11.56 8.85 18.34
CA GLY A 38 12.71 8.16 17.84
C GLY A 38 13.22 8.80 16.57
N PHE A 39 14.52 8.61 16.34
CA PHE A 39 15.19 8.99 15.12
C PHE A 39 15.08 7.83 14.11
N GLY A 40 14.25 8.02 13.10
CA GLY A 40 14.03 7.00 12.09
C GLY A 40 14.99 7.19 10.93
N THR A 41 15.68 6.12 10.53
CA THR A 41 16.66 6.20 9.43
C THR A 41 16.09 5.72 8.09
N PHE A 42 14.83 5.29 8.10
CA PHE A 42 14.06 5.03 6.88
C PHE A 42 14.10 6.30 6.01
N ARG A 43 14.44 6.12 4.73
CA ARG A 43 14.51 7.22 3.75
C ARG A 43 15.80 8.04 3.89
N SER A 45 19.94 8.28 3.62
CA SER A 45 21.16 7.64 3.07
C SER A 45 22.15 7.41 4.20
N GLY A 46 23.20 6.63 3.93
CA GLY A 46 24.29 6.44 4.88
C GLY A 46 24.98 7.75 5.27
N ALA A 47 25.23 8.59 4.28
CA ALA A 47 25.91 9.87 4.51
C ALA A 47 25.08 10.83 5.35
N GLU A 48 23.77 10.89 5.08
CA GLU A 48 22.85 11.70 5.90
C GLU A 48 22.85 11.25 7.37
N VAL A 49 22.84 9.94 7.60
CA VAL A 49 22.92 9.37 8.95
C VAL A 49 24.22 9.77 9.67
N LEU A 50 25.35 9.65 8.98
CA LEU A 50 26.66 9.98 9.58
C LEU A 50 26.78 11.46 9.94
N ARG A 51 26.12 12.31 9.18
CA ARG A 51 26.11 13.74 9.43
C ARG A 51 25.14 14.11 10.56
N ILE A 52 23.91 13.63 10.50
CA ILE A 52 22.83 14.14 11.36
C ILE A 52 22.64 13.37 12.67
N LEU A 53 22.77 12.04 12.63
CA LEU A 53 22.58 11.25 13.85
C LEU A 53 23.47 11.68 15.04
N PRO A 54 24.76 12.00 14.81
CA PRO A 54 25.56 12.51 15.95
C PRO A 54 24.95 13.74 16.61
N GLN A 55 24.44 14.65 15.79
CA GLN A 55 23.77 15.85 16.30
C GLN A 55 22.48 15.49 17.05
N ALA A 56 21.69 14.60 16.47
CA ALA A 56 20.48 14.11 17.12
C ALA A 56 20.76 13.57 18.51
N LEU A 57 21.84 12.80 18.63
CA LEU A 57 22.22 12.19 19.89
C LEU A 57 22.71 13.24 20.90
N LYS A 58 23.46 14.23 20.42
CA LYS A 58 23.88 15.37 21.25
C LYS A 58 22.68 16.12 21.76
N LEU A 59 21.75 16.43 20.85
CA LEU A 59 20.53 17.16 21.19
C LEU A 59 19.68 16.43 22.22
N GLY A 60 19.77 15.11 22.28
CA GLY A 60 19.02 14.36 23.29
C GLY A 60 18.18 13.16 22.81
N PHE A 61 18.18 12.87 21.51
CA PHE A 61 17.53 11.66 20.99
C PHE A 61 18.18 10.44 21.63
N ARG A 62 17.35 9.49 22.08
CA ARG A 62 17.86 8.26 22.69
C ARG A 62 17.22 7.00 22.12
N HIS A 63 16.53 7.15 20.99
CA HIS A 63 15.86 6.05 20.33
C HIS A 63 16.26 6.19 18.88
N VAL A 64 16.89 5.15 18.34
CA VAL A 64 17.31 5.15 16.94
C VAL A 64 16.72 3.92 16.26
N ASP A 65 16.09 4.14 15.10
CA ASP A 65 15.39 3.10 14.36
C ASP A 65 15.97 2.89 12.96
N THR A 66 16.35 1.64 12.66
CA THR A 66 16.90 1.27 11.36
C THR A 66 16.34 -0.09 10.90
N ALA A 67 16.87 -0.63 9.80
CA ALA A 67 16.38 -1.88 9.21
C ALA A 67 17.46 -2.46 8.33
N GLN A 68 17.47 -3.77 8.17
CA GLN A 68 18.40 -4.42 7.24
C GLN A 68 18.28 -3.83 5.84
N ILE A 69 17.04 -3.65 5.36
CA ILE A 69 16.79 -3.21 3.98
C ILE A 69 17.15 -1.76 3.70
N TYR A 70 17.19 -0.91 4.73
CA TYR A 70 17.55 0.50 4.50
C TYR A 70 18.99 0.66 4.03
N GLY A 71 19.85 -0.30 4.36
CA GLY A 71 21.25 -0.25 3.93
C GLY A 71 22.09 0.77 4.69
N ASN A 72 21.62 1.25 5.84
CA ASN A 72 22.40 2.24 6.59
C ASN A 72 22.76 1.82 8.02
N GLU A 73 22.62 0.52 8.32
CA GLU A 73 22.94 0.03 9.67
C GLU A 73 24.39 0.31 10.06
N ALA A 74 25.32 0.14 9.12
CA ALA A 74 26.74 0.42 9.36
C ALA A 74 26.97 1.84 9.88
N GLU A 75 26.31 2.80 9.27
CA GLU A 75 26.49 4.21 9.63
C GLU A 75 25.78 4.53 10.95
N VAL A 76 24.63 3.89 11.20
CA VAL A 76 23.99 3.99 12.51
C VAL A 76 24.95 3.53 13.60
N GLY A 77 25.57 2.37 13.40
CA GLY A 77 26.54 1.80 14.34
C GLY A 77 27.72 2.73 14.59
N GLU A 78 28.27 3.30 13.51
CA GLU A 78 29.40 4.24 13.62
C GLU A 78 29.00 5.50 14.39
N ALA A 79 27.88 6.10 14.01
CA ALA A 79 27.38 7.32 14.65
C ALA A 79 27.15 7.14 16.15
N ILE A 80 26.50 6.05 16.55
CA ILE A 80 26.27 5.79 17.97
C ILE A 80 27.57 5.61 18.73
N GLN A 81 28.47 4.80 18.17
CA GLN A 81 29.76 4.53 18.80
C GLN A 81 30.60 5.80 19.01
N LYS A 82 30.57 6.70 18.03
CA LYS A 82 31.36 7.94 18.09
C LYS A 82 30.77 9.03 18.99
N SER A 83 29.54 8.81 19.46
CA SER A 83 28.79 9.81 20.19
C SER A 83 29.22 9.93 21.65
N GLY A 84 29.76 8.86 22.21
CA GLY A 84 30.11 8.84 23.63
C GLY A 84 28.89 8.78 24.55
N ILE A 85 27.79 8.25 24.02
CA ILE A 85 26.61 7.98 24.82
C ILE A 85 26.72 6.50 25.17
N PRO A 86 26.60 6.16 26.47
CA PRO A 86 26.73 4.75 26.82
C PRO A 86 25.68 3.95 26.03
N ARG A 87 26.02 2.72 25.67
CA ARG A 87 25.14 1.86 24.89
C ARG A 87 23.81 1.65 25.61
N ALA A 88 23.88 1.46 26.93
CA ALA A 88 22.71 1.20 27.76
C ALA A 88 21.70 2.37 27.75
N ASP A 89 22.14 3.54 27.32
CA ASP A 89 21.27 4.73 27.29
C ASP A 89 20.55 4.92 25.96
N VAL A 90 20.93 4.13 24.94
CA VAL A 90 20.28 4.24 23.64
C VAL A 90 19.34 3.06 23.44
N PHE A 91 18.18 3.32 22.86
CA PHE A 91 17.25 2.28 22.47
C PHE A 91 17.39 2.06 20.97
N LEU A 92 17.89 0.90 20.58
CA LEU A 92 18.24 0.66 19.18
C LEU A 92 17.36 -0.42 18.58
N THR A 93 16.70 -0.09 17.47
CA THR A 93 15.81 -1.01 16.79
C THR A 93 16.32 -1.32 15.40
N THR A 94 16.33 -2.60 15.03
CA THR A 94 16.45 -2.95 13.61
C THR A 94 15.34 -3.92 13.19
N LYS A 95 15.30 -4.27 11.91
CA LYS A 95 14.22 -5.07 11.35
C LYS A 95 14.79 -6.13 10.42
N VAL A 96 14.27 -7.34 10.55
CA VAL A 96 14.61 -8.43 9.63
C VAL A 96 13.87 -8.30 8.30
N TRP A 97 14.63 -8.23 7.22
CA TRP A 97 14.08 -8.12 5.88
C TRP A 97 13.49 -9.47 5.47
N VAL A 98 12.43 -9.41 4.68
CA VAL A 98 11.67 -10.61 4.32
C VAL A 98 12.51 -11.68 3.61
N ASP A 99 13.59 -11.30 2.92
CA ASP A 99 14.44 -12.29 2.24
C ASP A 99 15.17 -13.18 3.25
N ASN A 100 15.21 -12.71 4.49
CA ASN A 100 15.94 -13.41 5.55
C ASN A 100 15.02 -14.17 6.51
N TYR A 101 13.79 -14.45 6.09
CA TYR A 101 12.81 -15.06 7.00
C TYR A 101 12.98 -16.54 7.35
N ARG A 102 13.53 -17.35 6.44
CA ARG A 102 13.77 -18.75 6.78
C ARG A 102 14.75 -18.84 7.96
N HIS A 103 14.54 -19.80 8.84
CA HIS A 103 15.30 -19.89 10.10
C HIS A 103 16.80 -19.57 9.99
N ASP A 104 17.51 -20.34 9.17
CA ASP A 104 18.98 -20.20 9.10
C ASP A 104 19.43 -18.82 8.58
N ALA A 105 18.76 -18.32 7.53
CA ALA A 105 19.01 -16.96 7.02
C ALA A 105 18.64 -15.89 8.07
N PHE A 106 17.61 -16.17 8.86
CA PHE A 106 17.14 -15.24 9.89
C PHE A 106 18.23 -15.03 10.93
N ILE A 107 18.68 -16.14 11.52
CA ILE A 107 19.68 -16.14 12.56
C ILE A 107 20.96 -15.48 12.04
N ALA A 108 21.38 -15.86 10.83
CA ALA A 108 22.61 -15.27 10.24
C ALA A 108 22.47 -13.76 10.02
N SER A 109 21.32 -13.32 9.53
CA SER A 109 21.11 -11.88 9.28
C SER A 109 21.17 -11.04 10.54
N VAL A 110 20.77 -11.62 11.67
CA VAL A 110 20.80 -10.90 12.94
C VAL A 110 22.26 -10.69 13.37
N ASP A 111 23.06 -11.75 13.29
CA ASP A 111 24.49 -11.63 13.58
C ASP A 111 25.15 -10.59 12.67
N GLU A 112 24.72 -10.56 11.41
CA GLU A 112 25.29 -9.62 10.43
C GLU A 112 24.89 -8.18 10.79
N SER A 113 23.62 -7.96 11.15
CA SER A 113 23.18 -6.65 11.64
C SER A 113 24.02 -6.18 12.80
N LEU A 114 24.28 -7.08 13.74
CA LEU A 114 25.03 -6.73 14.94
C LEU A 114 26.50 -6.37 14.63
N ARG A 115 27.04 -7.00 13.60
CA ARG A 115 28.38 -6.61 13.14
C ARG A 115 28.35 -5.18 12.62
N LYS A 116 27.34 -4.83 11.82
CA LYS A 116 27.21 -3.47 11.26
C LYS A 116 26.96 -2.43 12.34
N LEU A 117 26.11 -2.80 13.31
CA LEU A 117 25.69 -1.89 14.38
C LEU A 117 26.73 -1.76 15.51
N ARG A 118 27.79 -2.57 15.44
CA ARG A 118 28.88 -2.53 16.42
C ARG A 118 28.42 -2.67 17.87
N THR A 119 27.52 -3.63 18.10
CA THR A 119 26.99 -3.91 19.42
C THR A 119 26.60 -5.39 19.48
N ASP A 120 26.58 -5.97 20.67
CA ASP A 120 26.21 -7.40 20.78
C ASP A 120 24.69 -7.66 20.87
N HIS A 121 23.90 -6.61 20.93
CA HIS A 121 22.44 -6.75 21.00
C HIS A 121 21.76 -5.50 20.46
N VAL A 122 20.55 -5.69 19.98
CA VAL A 122 19.65 -4.57 19.75
C VAL A 122 18.61 -4.57 20.85
N ASP A 123 18.03 -3.40 21.10
CA ASP A 123 16.95 -3.33 22.06
C ASP A 123 15.68 -3.94 21.49
N LEU A 124 15.46 -3.80 20.19
CA LEU A 124 14.22 -4.21 19.55
C LEU A 124 14.47 -4.76 18.15
N LEU A 125 13.88 -5.92 17.86
CA LEU A 125 13.98 -6.51 16.53
C LEU A 125 12.58 -6.79 16.01
N LEU A 126 12.30 -6.28 14.82
CA LEU A 126 10.98 -6.43 14.22
C LEU A 126 11.03 -7.29 12.97
N LEU A 127 9.94 -7.98 12.72
CA LEU A 127 9.66 -8.51 11.41
C LEU A 127 9.15 -7.32 10.59
N HIS A 128 9.83 -7.05 9.49
CA HIS A 128 9.60 -5.80 8.74
C HIS A 128 8.23 -5.76 8.04
N TRP A 129 7.83 -6.88 7.45
CA TRP A 129 6.57 -6.99 6.73
C TRP A 129 5.98 -8.37 6.99
N PRO A 130 4.63 -8.49 6.98
CA PRO A 130 3.96 -9.78 7.20
C PRO A 130 3.96 -10.74 6.00
N GLY A 131 3.97 -10.19 4.80
CA GLY A 131 3.91 -10.98 3.55
C GLY A 131 5.15 -11.79 3.27
N SER A 132 4.97 -13.12 3.26
CA SER A 132 6.06 -14.08 3.12
C SER A 132 5.48 -15.48 2.95
N ASP A 133 6.18 -16.32 2.19
CA ASP A 133 5.89 -17.76 2.13
C ASP A 133 6.33 -18.52 3.38
N VAL A 134 7.21 -17.90 4.19
CA VAL A 134 7.68 -18.56 5.41
C VAL A 134 6.58 -18.53 6.48
N PRO A 135 6.25 -19.68 7.08
CA PRO A 135 5.20 -19.73 8.10
C PRO A 135 5.45 -18.74 9.23
N ALA A 137 4.85 -18.96 12.36
CA ALA A 137 5.47 -19.54 13.56
C ALA A 137 6.98 -19.76 13.42
N GLU A 138 7.46 -19.97 12.20
CA GLU A 138 8.90 -20.08 11.96
C GLU A 138 9.60 -18.73 12.20
N ARG A 139 8.99 -17.64 11.74
CA ARG A 139 9.57 -16.29 11.94
C ARG A 139 9.51 -15.91 13.40
N ILE A 140 8.37 -16.18 14.03
CA ILE A 140 8.17 -15.84 15.43
C ILE A 140 9.12 -16.70 16.27
N GLY A 141 9.28 -17.97 15.88
CA GLY A 141 10.23 -18.85 16.56
C GLY A 141 11.66 -18.30 16.53
N ALA A 142 12.07 -17.80 15.36
CA ALA A 142 13.41 -17.22 15.21
C ALA A 142 13.56 -15.93 16.02
N LEU A 143 12.51 -15.10 16.07
CA LEU A 143 12.53 -13.92 16.96
C LEU A 143 12.80 -14.31 18.41
N ASN A 144 12.07 -15.32 18.89
CA ASN A 144 12.27 -15.78 20.25
C ASN A 144 13.66 -16.39 20.48
N GLU A 145 14.17 -17.09 19.48
CA GLU A 145 15.50 -17.68 19.60
C GLU A 145 16.56 -16.60 19.86
N VAL A 146 16.58 -15.57 19.04
CA VAL A 146 17.59 -14.52 19.20
C VAL A 146 17.39 -13.70 20.47
N ARG A 147 16.15 -13.56 20.91
CA ARG A 147 15.87 -12.94 22.20
C ARG A 147 16.47 -13.75 23.35
N ASN A 148 16.21 -15.05 23.36
CA ASN A 148 16.76 -15.94 24.40
C ASN A 148 18.29 -16.01 24.35
N ALA A 149 18.87 -15.83 23.17
CA ALA A 149 20.34 -15.82 22.99
C ALA A 149 20.99 -14.55 23.55
N GLY A 150 20.18 -13.55 23.87
CA GLY A 150 20.69 -12.29 24.44
C GLY A 150 21.08 -11.28 23.37
N LYS A 151 20.68 -11.54 22.14
CA LYS A 151 21.05 -10.70 21.01
C LYS A 151 20.00 -9.62 20.76
N VAL A 152 18.83 -9.81 21.34
CA VAL A 152 17.69 -8.92 21.16
C VAL A 152 16.98 -8.83 22.50
N ARG A 153 16.74 -7.61 23.00
CA ARG A 153 16.11 -7.45 24.30
C ARG A 153 14.59 -7.66 24.18
N HIS A 154 14.01 -7.08 23.14
CA HIS A 154 12.56 -7.10 22.94
C HIS A 154 12.28 -7.40 21.48
N ILE A 155 11.14 -8.03 21.21
CA ILE A 155 10.77 -8.40 19.85
C ILE A 155 9.45 -7.73 19.43
N GLY A 156 9.29 -7.50 18.13
CA GLY A 156 8.05 -6.93 17.62
C GLY A 156 7.78 -7.18 16.16
N ILE A 157 6.78 -6.45 15.65
CA ILE A 157 6.30 -6.63 14.29
C ILE A 157 6.14 -5.30 13.59
N SER A 158 5.95 -5.35 12.27
CA SER A 158 5.80 -4.12 11.50
C SER A 158 4.88 -4.39 10.34
N ASN A 159 3.91 -3.50 10.17
CA ASN A 159 2.94 -3.53 9.07
C ASN A 159 2.01 -4.73 9.14
N PHE A 160 1.78 -5.24 10.34
CA PHE A 160 0.86 -6.34 10.53
C PHE A 160 -0.56 -5.78 10.70
N ASN A 161 -1.55 -6.47 10.13
CA ASN A 161 -2.93 -6.11 10.38
C ASN A 161 -3.37 -6.70 11.71
N THR A 162 -4.61 -6.43 12.15
CA THR A 162 -5.05 -6.87 13.48
C THR A 162 -5.07 -8.40 13.62
N THR A 163 -5.44 -9.08 12.54
CA THR A 163 -5.48 -10.53 12.52
C THR A 163 -4.08 -11.08 12.78
N GLN A 164 -3.09 -10.47 12.14
CA GLN A 164 -1.70 -10.92 12.27
C GLN A 164 -1.08 -10.54 13.61
N GLU A 166 -2.82 -10.45 16.41
CA GLU A 166 -3.38 -11.45 17.33
C GLU A 166 -2.62 -12.75 17.16
N GLU A 167 -2.34 -13.13 15.91
CA GLU A 167 -1.59 -14.36 15.63
C GLU A 167 -0.17 -14.29 16.20
N ALA A 168 0.52 -13.18 15.97
CA ALA A 168 1.88 -13.00 16.52
C ALA A 168 1.92 -13.10 18.05
N ALA A 169 1.00 -12.41 18.72
CA ALA A 169 0.92 -12.47 20.19
C ALA A 169 0.65 -13.90 20.69
N ARG A 170 -0.24 -14.61 19.98
CA ARG A 170 -0.58 -16.01 20.33
C ARG A 170 0.60 -17.00 20.14
N LEU A 171 1.33 -16.87 19.03
CA LEU A 171 2.42 -17.81 18.74
C LEU A 171 3.72 -17.54 19.49
N SER A 172 3.86 -16.35 20.08
CA SER A 172 5.14 -15.92 20.65
C SER A 172 5.22 -16.15 22.13
N ASP A 173 6.25 -16.88 22.56
CA ASP A 173 6.50 -17.11 23.99
C ASP A 173 6.75 -15.77 24.68
N ALA A 174 7.62 -14.95 24.08
CA ALA A 174 7.89 -13.58 24.58
C ALA A 174 6.77 -12.61 24.15
N PRO A 175 6.51 -11.56 24.97
CA PRO A 175 5.54 -10.57 24.54
C PRO A 175 6.00 -9.87 23.27
N ILE A 176 5.01 -9.41 22.50
CA ILE A 176 5.27 -8.63 21.30
C ILE A 176 5.19 -7.16 21.75
N ALA A 177 6.29 -6.43 21.61
CA ALA A 177 6.40 -5.10 22.16
C ALA A 177 5.57 -4.04 21.42
N THR A 178 5.61 -4.08 20.08
CA THR A 178 5.08 -3.00 19.25
C THR A 178 4.74 -3.53 17.88
N ASN A 179 3.85 -2.82 17.21
CA ASN A 179 3.62 -2.96 15.77
C ASN A 179 3.93 -1.60 15.12
N GLN A 180 4.98 -1.58 14.31
CA GLN A 180 5.39 -0.38 13.63
C GLN A 180 4.66 -0.29 12.31
N VAL A 181 3.87 0.77 12.18
CA VAL A 181 3.01 0.99 11.02
C VAL A 181 3.02 2.46 10.59
N GLU A 182 2.65 2.69 9.33
CA GLU A 182 2.41 4.04 8.81
C GLU A 182 1.28 4.67 9.61
N TYR A 183 1.51 5.85 10.16
CA TYR A 183 0.45 6.53 10.93
C TYR A 183 0.70 8.03 10.89
N HIS A 184 -0.32 8.75 10.40
CA HIS A 184 -0.28 10.20 10.23
C HIS A 184 -1.76 10.63 10.14
N PRO A 185 -2.03 11.94 10.15
CA PRO A 185 -3.43 12.36 10.20
C PRO A 185 -4.33 11.83 9.05
N TYR A 186 -3.74 11.50 7.90
CA TYR A 186 -4.54 11.06 6.73
C TYR A 186 -4.84 9.56 6.68
N LEU A 187 -4.26 8.80 7.60
CA LEU A 187 -4.52 7.36 7.65
C LEU A 187 -5.07 6.94 9.00
N ASP A 188 -6.34 6.55 9.01
CA ASP A 188 -7.01 6.06 10.22
C ASP A 188 -6.38 4.75 10.72
N GLN A 189 -6.08 4.69 12.01
CA GLN A 189 -5.56 3.45 12.61
C GLN A 189 -6.36 3.00 13.82
N THR A 190 -7.66 3.33 13.82
CA THR A 190 -8.56 2.97 14.91
C THR A 190 -8.51 1.49 15.29
N LYS A 191 -8.71 0.61 14.33
CA LYS A 191 -8.75 -0.83 14.61
C LYS A 191 -7.39 -1.34 15.12
N VAL A 192 -6.31 -0.94 14.43
CA VAL A 192 -4.96 -1.32 14.87
C VAL A 192 -4.66 -0.86 16.30
N LEU A 193 -4.99 0.39 16.61
CA LEU A 193 -4.78 0.91 17.97
C LEU A 193 -5.54 0.14 19.02
N GLN A 194 -6.80 -0.18 18.71
CA GLN A 194 -7.66 -0.89 19.66
C GLN A 194 -7.12 -2.29 19.93
N THR A 195 -6.67 -2.96 18.87
CA THR A 195 -6.06 -4.29 19.03
C THR A 195 -4.75 -4.19 19.80
N ALA A 196 -3.92 -3.21 19.47
CA ALA A 196 -2.66 -3.00 20.21
C ALA A 196 -2.92 -2.90 21.71
N ARG A 197 -3.83 -2.03 22.09
CA ARG A 197 -4.15 -1.80 23.50
C ARG A 197 -4.71 -3.05 24.22
N ARG A 198 -5.55 -3.81 23.54
CA ARG A 198 -6.01 -5.10 24.09
C ARG A 198 -4.86 -6.08 24.29
N LEU A 199 -3.93 -6.12 23.35
CA LEU A 199 -2.81 -7.07 23.42
C LEU A 199 -1.64 -6.54 24.25
N GLY A 200 -1.70 -5.27 24.64
CA GLY A 200 -0.66 -4.68 25.47
C GLY A 200 0.56 -4.19 24.69
N SER A 202 2.43 -1.48 21.93
CA SER A 202 2.34 -0.13 21.42
C SER A 202 2.21 -0.11 19.90
N LEU A 203 1.98 1.08 19.36
CA LEU A 203 2.06 1.33 17.96
C LEU A 203 3.23 2.29 17.72
N THR A 204 4.13 1.91 16.84
CA THR A 204 5.16 2.84 16.42
C THR A 204 4.83 3.43 15.05
N SER A 205 4.75 4.76 14.99
CA SER A 205 4.38 5.47 13.77
C SER A 205 5.58 5.81 12.88
N TYR A 206 5.45 5.53 11.59
CA TYR A 206 6.33 6.13 10.58
C TYR A 206 5.50 6.96 9.58
N TYR A 207 6.19 7.83 8.85
CA TYR A 207 5.59 8.75 7.86
C TYR A 207 4.63 9.77 8.49
N ALA A 208 4.97 10.24 9.69
CA ALA A 208 4.20 11.28 10.38
C ALA A 208 3.85 12.48 9.49
N ALA A 210 3.35 12.51 6.29
CA ALA A 210 2.58 12.06 5.13
C ALA A 210 3.17 12.51 3.77
N ASN A 211 4.49 12.33 3.65
CA ASN A 211 5.20 12.58 2.40
C ASN A 211 5.07 14.03 1.93
N GLY A 212 4.93 14.96 2.88
CA GLY A 212 4.81 16.39 2.57
C GLY A 212 3.43 17.00 2.73
N LYS A 213 2.40 16.17 2.85
CA LYS A 213 1.02 16.66 3.04
C LYS A 213 0.89 17.49 4.32
N VAL A 214 1.57 17.05 5.38
CA VAL A 214 1.43 17.71 6.68
C VAL A 214 1.83 19.20 6.71
N PRO A 215 3.06 19.56 6.25
CA PRO A 215 3.40 21.00 6.26
C PRO A 215 2.51 21.89 5.38
N ALA A 216 1.81 21.30 4.41
CA ALA A 216 0.94 22.04 3.50
C ALA A 216 -0.50 22.13 3.99
N ASP A 217 -0.82 21.43 5.07
CA ASP A 217 -2.19 21.36 5.55
C ASP A 217 -2.59 22.66 6.25
N PRO A 218 -3.70 23.28 5.81
CA PRO A 218 -4.16 24.54 6.39
C PRO A 218 -4.68 24.37 7.83
N LEU A 219 -5.41 23.29 8.11
CA LEU A 219 -5.88 23.06 9.46
C LEU A 219 -4.70 22.90 10.44
N LEU A 220 -3.69 22.13 10.02
CA LEU A 220 -2.50 21.90 10.86
C LEU A 220 -1.65 23.15 11.05
N THR A 221 -1.59 23.99 10.02
CA THR A 221 -0.90 25.27 10.14
C THR A 221 -1.67 26.19 11.10
N GLU A 222 -3.00 26.10 11.08
CA GLU A 222 -3.85 26.91 11.95
C GLU A 222 -3.65 26.52 13.41
N ILE A 223 -3.69 25.22 13.68
CA ILE A 223 -3.50 24.74 15.04
C ILE A 223 -2.10 25.07 15.52
N GLY A 224 -1.12 24.87 14.66
CA GLY A 224 0.28 25.20 14.95
C GLY A 224 0.48 26.65 15.34
N GLY A 225 -0.18 27.54 14.61
CA GLY A 225 -0.16 28.96 14.91
C GLY A 225 -0.61 29.31 16.32
N ARG A 226 -1.72 28.71 16.75
CA ARG A 226 -2.21 28.88 18.12
C ARG A 226 -1.16 28.59 19.21
N HIS A 227 -0.21 27.71 18.93
CA HIS A 227 0.75 27.24 19.94
C HIS A 227 2.18 27.74 19.70
N GLY A 228 2.37 28.53 18.66
CA GLY A 228 3.70 28.95 18.25
C GLY A 228 4.50 27.81 17.64
N LYS A 229 3.80 26.83 17.08
CA LYS A 229 4.41 25.61 16.55
C LYS A 229 4.12 25.44 15.05
N THR A 230 4.96 24.66 14.34
CA THR A 230 4.74 24.39 12.92
C THR A 230 3.68 23.33 12.74
N ALA A 231 3.12 23.22 11.54
CA ALA A 231 2.21 22.14 11.17
C ALA A 231 2.83 20.75 11.47
N ALA A 232 4.14 20.63 11.23
CA ALA A 232 4.88 19.40 11.44
C ALA A 232 4.87 19.00 12.91
N GLN A 233 5.13 19.95 13.80
CA GLN A 233 5.12 19.72 15.24
C GLN A 233 3.72 19.36 15.71
N VAL A 234 2.71 19.97 15.10
CA VAL A 234 1.33 19.62 15.42
C VAL A 234 1.02 18.14 15.11
N ALA A 235 1.49 17.66 13.96
CA ALA A 235 1.24 16.27 13.57
C ALA A 235 1.99 15.31 14.50
N LEU A 236 3.25 15.61 14.77
CA LEU A 236 4.07 14.84 15.72
C LEU A 236 3.46 14.83 17.12
N ARG A 237 2.99 15.99 17.56
CA ARG A 237 2.33 16.07 18.86
C ARG A 237 1.04 15.26 18.89
N TRP A 238 0.26 15.30 17.82
CA TRP A 238 -1.01 14.57 17.77
C TRP A 238 -0.77 13.06 17.94
N LEU A 239 0.33 12.59 17.36
CA LEU A 239 0.73 11.19 17.54
C LEU A 239 1.17 10.89 18.97
N VAL A 240 2.12 11.68 19.45
CA VAL A 240 2.82 11.41 20.70
C VAL A 240 1.90 11.64 21.91
N GLN A 241 0.86 12.44 21.71
CA GLN A 241 -0.16 12.70 22.73
C GLN A 241 -1.16 11.53 22.85
N GLN A 242 -1.24 10.68 21.84
CA GLN A 242 -2.10 9.50 21.93
C GLN A 242 -1.48 8.42 22.82
N GLN A 243 -2.31 7.80 23.65
CA GLN A 243 -1.87 6.70 24.51
C GLN A 243 -1.27 5.60 23.65
N ASP A 244 -0.11 5.10 24.07
CA ASP A 244 0.53 3.91 23.47
C ASP A 244 1.13 4.14 22.08
N VAL A 245 1.34 5.40 21.71
CA VAL A 245 1.88 5.71 20.37
C VAL A 245 3.27 6.28 20.47
N ILE A 246 4.16 5.75 19.64
CA ILE A 246 5.53 6.20 19.52
C ILE A 246 5.63 6.76 18.12
N VAL A 247 6.47 7.78 17.94
CA VAL A 247 6.64 8.38 16.62
C VAL A 247 8.13 8.41 16.19
N LEU A 248 8.39 8.04 14.95
CA LEU A 248 9.71 8.15 14.34
C LEU A 248 9.76 9.38 13.44
N SER A 249 10.82 10.17 13.54
CA SER A 249 10.94 11.31 12.65
C SER A 249 12.15 11.15 11.75
N LYS A 250 12.01 11.67 10.54
CA LYS A 250 13.11 11.76 9.60
C LYS A 250 13.53 13.24 9.52
N THR A 251 14.74 13.49 10.00
CA THR A 251 15.29 14.83 10.04
C THR A 251 16.60 14.80 9.27
N ALA A 252 16.56 15.24 8.02
CA ALA A 252 17.73 15.26 7.14
C ALA A 252 18.56 16.54 7.27
N THR A 253 18.14 17.47 8.11
CA THR A 253 18.87 18.73 8.35
C THR A 253 18.83 19.09 9.83
N GLU A 254 19.81 19.86 10.28
CA GLU A 254 19.87 20.32 11.68
C GLU A 254 18.63 21.11 12.11
N ALA A 255 18.01 21.83 11.18
CA ALA A 255 16.88 22.71 11.46
C ALA A 255 15.59 21.95 11.81
N ARG A 256 15.23 20.96 10.99
CA ARG A 256 14.08 20.10 11.29
C ARG A 256 14.31 19.31 12.57
N LEU A 257 15.56 18.88 12.77
CA LEU A 257 16.01 18.17 13.96
C LEU A 257 15.54 18.86 15.25
N LYS A 258 15.92 20.12 15.43
CA LYS A 258 15.59 20.86 16.65
C LYS A 258 14.09 21.12 16.78
N GLU A 259 13.43 21.29 15.63
CA GLU A 259 12.01 21.54 15.56
C GLU A 259 11.19 20.29 15.96
N ASN A 260 11.55 19.14 15.37
CA ASN A 260 10.88 17.88 15.66
C ASN A 260 11.01 17.45 17.12
N PHE A 261 12.14 17.77 17.73
CA PHE A 261 12.44 17.42 19.11
C PHE A 261 11.60 18.22 20.12
N ALA A 262 11.24 19.45 19.73
CA ALA A 262 10.50 20.37 20.59
C ALA A 262 8.98 20.16 20.53
N ILE A 263 8.54 18.94 20.87
CA ILE A 263 7.11 18.61 20.81
C ILE A 263 6.56 18.22 22.17
N PHE A 264 7.37 18.37 23.21
CA PHE A 264 6.89 18.09 24.56
C PHE A 264 6.67 19.38 25.34
N ASP A 265 6.87 20.50 24.63
CA ASP A 265 6.60 21.87 25.11
C ASP A 265 5.13 22.16 25.35
N PHE A 266 4.29 21.59 24.50
CA PHE A 266 2.89 21.99 24.44
C PHE A 266 1.98 20.78 24.41
N ALA A 267 0.69 21.04 24.49
CA ALA A 267 -0.33 20.00 24.33
C ALA A 267 -1.44 20.51 23.44
N LEU A 268 -2.09 19.60 22.71
CA LEU A 268 -3.26 19.95 21.91
C LEU A 268 -4.50 19.78 22.76
N THR A 269 -5.46 20.69 22.58
CA THR A 269 -6.75 20.62 23.25
C THR A 269 -7.51 19.39 22.74
N ARG A 270 -8.52 18.96 23.50
CA ARG A 270 -9.39 17.86 23.09
C ARG A 270 -9.97 18.08 21.69
N GLU A 271 -10.39 19.33 21.45
CA GLU A 271 -11.04 19.71 20.21
C GLU A 271 -10.03 19.68 19.06
N GLU A 272 -8.80 20.12 19.34
CA GLU A 272 -7.73 20.05 18.37
C GLU A 272 -7.39 18.60 17.98
N ALA A 274 -9.56 15.91 18.14
CA ALA A 274 -10.71 15.44 17.33
C ALA A 274 -10.65 15.95 15.89
N ALA A 275 -10.26 17.22 15.72
CA ALA A 275 -10.18 17.86 14.40
C ALA A 275 -9.09 17.25 13.52
N VAL A 276 -7.93 16.99 14.12
CA VAL A 276 -6.84 16.33 13.37
C VAL A 276 -7.28 14.93 12.97
N ARG A 277 -8.01 14.25 13.84
CA ARG A 277 -8.55 12.92 13.58
C ARG A 277 -9.48 12.89 12.36
N GLU A 278 -10.21 13.99 12.12
CA GLU A 278 -11.12 14.14 10.98
C GLU A 278 -10.44 14.17 9.60
N LEU A 279 -9.12 14.35 9.59
CA LEU A 279 -8.36 14.41 8.34
C LEU A 279 -8.17 13.06 7.64
N ALA A 280 -8.56 11.96 8.28
CA ALA A 280 -8.37 10.62 7.72
C ALA A 280 -9.12 10.45 6.38
N ARG A 281 -8.43 9.83 5.41
CA ARG A 281 -8.94 9.65 4.06
C ARG A 281 -8.84 8.17 3.69
N PRO A 282 -9.86 7.64 2.97
CA PRO A 282 -9.78 6.24 2.55
C PRO A 282 -8.58 5.94 1.64
N ASN A 283 -8.01 6.97 1.04
CA ASN A 283 -6.81 6.78 0.21
C ASN A 283 -5.57 7.39 0.82
N GLY A 284 -5.51 7.44 2.15
CA GLY A 284 -4.42 8.12 2.83
C GLY A 284 -3.13 7.32 2.96
N ARG A 285 -3.20 6.01 2.79
CA ARG A 285 -2.02 5.14 2.92
C ARG A 285 -1.03 5.39 1.78
N ILE A 286 0.24 5.55 2.16
CA ILE A 286 1.33 5.84 1.24
C ILE A 286 2.09 4.56 0.87
N VAL A 287 2.39 3.72 1.86
CA VAL A 287 3.26 2.55 1.65
C VAL A 287 2.42 1.27 1.54
N ASN A 288 2.44 0.63 0.37
CA ASN A 288 1.59 -0.54 0.11
C ASN A 288 2.24 -1.51 -0.90
N PRO A 289 3.43 -2.08 -0.56
CA PRO A 289 4.09 -2.94 -1.55
C PRO A 289 3.40 -4.29 -1.73
N GLN A 290 3.10 -4.62 -2.98
CA GLN A 290 2.43 -5.87 -3.32
C GLN A 290 3.26 -7.07 -2.86
N GLY A 291 2.62 -8.03 -2.21
CA GLY A 291 3.31 -9.22 -1.72
C GLY A 291 3.77 -9.10 -0.26
N LEU A 292 4.22 -7.91 0.13
CA LEU A 292 4.74 -7.67 1.48
C LEU A 292 3.63 -7.15 2.39
N ALA A 293 2.81 -6.26 1.83
CA ALA A 293 1.70 -5.67 2.58
C ALA A 293 0.63 -6.72 2.84
N PRO A 294 -0.05 -6.64 3.98
CA PRO A 294 -1.16 -7.56 4.22
C PRO A 294 -2.45 -6.96 3.64
N GLU A 295 -3.52 -7.72 3.73
CA GLU A 295 -4.87 -7.20 3.50
C GLU A 295 -5.15 -6.30 4.71
N TRP A 296 -4.94 -5.00 4.53
CA TRP A 296 -5.10 -4.03 5.63
C TRP A 296 -6.51 -4.07 6.20
N ASP A 297 -6.67 -3.73 7.49
CA ASP A 297 -7.99 -3.64 8.12
C ASP A 297 -8.81 -2.55 7.41
N ALA A 298 -10.09 -2.82 7.20
CA ALA A 298 -10.94 -1.99 6.33
C ALA A 298 -11.72 -0.88 7.04
N LEU B 18 14.90 4.11 -2.60
CA LEU B 18 13.81 3.83 -1.61
C LEU B 18 13.12 2.49 -1.90
N TYR B 19 13.31 1.51 -1.00
CA TYR B 19 13.08 0.11 -1.35
C TYR B 19 11.71 -0.19 -1.95
N PHE B 20 10.65 0.37 -1.39
CA PHE B 20 9.30 0.04 -1.87
C PHE B 20 8.92 0.70 -3.20
N GLN B 21 9.60 1.79 -3.57
CA GLN B 21 9.31 2.51 -4.83
C GLN B 21 9.80 1.80 -6.09
N SER B 22 10.63 0.78 -5.94
CA SER B 22 11.08 0.00 -7.08
C SER B 22 10.37 -1.35 -7.16
N HIS B 25 3.28 -1.68 -6.34
CA HIS B 25 2.41 -1.37 -5.21
C HIS B 25 1.00 -1.93 -5.40
N ALA B 26 0.29 -2.10 -4.29
CA ALA B 26 -1.15 -2.28 -4.32
C ALA B 26 -1.79 -0.91 -4.24
N VAL B 27 -3.00 -0.80 -4.77
CA VAL B 27 -3.73 0.43 -4.74
C VAL B 27 -4.95 0.22 -3.82
N SER B 28 -5.00 1.01 -2.75
CA SER B 28 -5.95 0.82 -1.64
C SER B 28 -7.37 0.42 -2.10
N SER B 29 -7.97 1.23 -2.96
CA SER B 29 -9.28 0.91 -3.59
C SER B 29 -10.40 0.64 -2.56
N ASN B 30 -10.61 1.61 -1.68
CA ASN B 30 -11.68 1.52 -0.67
C ASN B 30 -11.64 0.23 0.15
N GLY B 31 -10.45 -0.33 0.33
CA GLY B 31 -10.30 -1.54 1.15
C GLY B 31 -9.87 -2.78 0.40
N ALA B 32 -10.00 -2.76 -0.93
CA ALA B 32 -9.69 -3.92 -1.78
C ALA B 32 -8.18 -4.23 -2.01
N ASN B 33 -7.33 -3.20 -2.00
CA ASN B 33 -5.88 -3.38 -2.21
C ASN B 33 -5.52 -4.19 -3.46
N ILE B 34 -5.75 -3.58 -4.61
CA ILE B 34 -5.63 -4.22 -5.90
C ILE B 34 -4.21 -3.98 -6.41
N PRO B 35 -3.48 -5.06 -6.75
CA PRO B 35 -2.15 -4.92 -7.34
C PRO B 35 -2.18 -3.95 -8.54
N ALA B 36 -1.25 -2.99 -8.55
CA ALA B 36 -1.32 -1.85 -9.50
C ALA B 36 -1.25 -2.26 -10.97
N LEU B 37 -0.69 -3.43 -11.24
CA LEU B 37 -0.63 -3.98 -12.60
C LEU B 37 -1.39 -5.32 -12.64
N GLY B 38 -2.31 -5.43 -13.59
CA GLY B 38 -3.08 -6.66 -13.74
C GLY B 38 -2.94 -7.27 -15.13
N PHE B 39 -3.12 -8.59 -15.20
CA PHE B 39 -3.14 -9.30 -16.46
C PHE B 39 -4.57 -9.27 -16.94
N GLY B 40 -4.81 -8.53 -18.03
CA GLY B 40 -6.16 -8.43 -18.58
C GLY B 40 -6.38 -9.46 -19.69
N THR B 41 -7.56 -10.08 -19.69
CA THR B 41 -7.85 -11.08 -20.72
C THR B 41 -8.87 -10.58 -21.73
N PHE B 42 -9.25 -9.31 -21.61
CA PHE B 42 -10.02 -8.64 -22.66
C PHE B 42 -9.22 -8.69 -23.97
N ARG B 43 -9.90 -9.02 -25.07
CA ARG B 43 -9.25 -9.09 -26.38
C ARG B 43 -8.41 -10.38 -26.56
N SER B 45 -8.23 -14.66 -26.78
CA SER B 45 -8.93 -15.91 -27.01
C SER B 45 -8.64 -16.90 -25.88
N GLY B 46 -9.49 -17.92 -25.77
CA GLY B 46 -9.32 -19.00 -24.80
C GLY B 46 -7.97 -19.67 -24.91
N ALA B 47 -7.56 -19.96 -26.14
CA ALA B 47 -6.27 -20.61 -26.39
C ALA B 47 -5.10 -19.72 -25.98
N GLU B 48 -5.21 -18.41 -26.23
CA GLU B 48 -4.17 -17.48 -25.85
C GLU B 48 -3.98 -17.38 -24.33
N VAL B 49 -5.09 -17.49 -23.59
CA VAL B 49 -5.06 -17.43 -22.13
C VAL B 49 -4.30 -18.65 -21.56
N LEU B 50 -4.64 -19.84 -22.02
CA LEU B 50 -4.00 -21.08 -21.57
C LEU B 50 -2.51 -21.09 -21.89
N ARG B 51 -2.17 -20.52 -23.04
CA ARG B 51 -0.79 -20.42 -23.49
C ARG B 51 0.01 -19.44 -22.63
N ILE B 52 -0.56 -18.27 -22.34
CA ILE B 52 0.25 -17.18 -21.76
C ILE B 52 0.10 -16.95 -20.25
N LEU B 53 -1.11 -17.08 -19.72
CA LEU B 53 -1.39 -16.79 -18.31
C LEU B 53 -0.56 -17.59 -17.28
N PRO B 54 -0.29 -18.90 -17.57
CA PRO B 54 0.66 -19.62 -16.70
C PRO B 54 2.03 -18.95 -16.66
N GLN B 55 2.58 -18.61 -17.82
CA GLN B 55 3.85 -17.89 -17.90
C GLN B 55 3.81 -16.53 -17.17
N ALA B 56 2.67 -15.84 -17.25
CA ALA B 56 2.50 -14.53 -16.60
C ALA B 56 2.56 -14.64 -15.08
N LEU B 57 1.78 -15.58 -14.54
CA LEU B 57 1.73 -15.81 -13.10
C LEU B 57 3.09 -16.23 -12.55
N LYS B 58 3.79 -17.07 -13.31
CA LYS B 58 5.14 -17.51 -12.94
C LYS B 58 6.14 -16.37 -12.95
N LEU B 59 5.98 -15.44 -13.90
CA LEU B 59 6.80 -14.24 -13.95
C LEU B 59 6.60 -13.34 -12.71
N GLY B 60 5.38 -13.29 -12.19
CA GLY B 60 5.10 -12.48 -11.00
C GLY B 60 3.78 -11.73 -10.98
N PHE B 61 3.04 -11.75 -12.08
CA PHE B 61 1.69 -11.20 -12.11
C PHE B 61 0.88 -11.88 -11.01
N ARG B 62 0.09 -11.10 -10.27
CA ARG B 62 -0.72 -11.62 -9.18
C ARG B 62 -2.12 -11.04 -9.20
N HIS B 63 -2.50 -10.51 -10.35
CA HIS B 63 -3.77 -9.85 -10.52
C HIS B 63 -4.22 -10.24 -11.93
N VAL B 64 -5.38 -10.92 -11.99
CA VAL B 64 -5.95 -11.37 -13.26
C VAL B 64 -7.34 -10.79 -13.42
N ASP B 65 -7.62 -10.27 -14.62
CA ASP B 65 -8.89 -9.62 -14.89
C ASP B 65 -9.57 -10.29 -16.08
N THR B 66 -10.81 -10.72 -15.85
CA THR B 66 -11.63 -11.35 -16.88
C THR B 66 -13.06 -10.84 -16.78
N ALA B 67 -13.97 -11.45 -17.53
CA ALA B 67 -15.37 -11.03 -17.54
C ALA B 67 -16.21 -12.12 -18.20
N GLN B 68 -17.48 -12.17 -17.83
CA GLN B 68 -18.40 -13.15 -18.40
C GLN B 68 -18.42 -13.07 -19.92
N ILE B 69 -18.52 -11.84 -20.45
CA ILE B 69 -18.61 -11.63 -21.88
C ILE B 69 -17.33 -11.98 -22.68
N TYR B 70 -16.16 -12.05 -22.05
CA TYR B 70 -14.94 -12.38 -22.79
C TYR B 70 -14.95 -13.85 -23.24
N GLY B 71 -15.81 -14.64 -22.60
CA GLY B 71 -15.95 -16.07 -22.92
C GLY B 71 -14.73 -16.90 -22.60
N ASN B 72 -13.76 -16.33 -21.87
CA ASN B 72 -12.53 -17.05 -21.51
C ASN B 72 -12.35 -17.35 -20.01
N GLU B 73 -13.42 -17.22 -19.23
CA GLU B 73 -13.35 -17.48 -17.77
C GLU B 73 -12.83 -18.88 -17.43
N ALA B 74 -13.27 -19.88 -18.20
CA ALA B 74 -12.89 -21.27 -17.98
C ALA B 74 -11.39 -21.49 -18.17
N GLU B 75 -10.84 -20.91 -19.23
CA GLU B 75 -9.41 -20.99 -19.51
C GLU B 75 -8.58 -20.19 -18.49
N VAL B 76 -9.21 -19.20 -17.86
CA VAL B 76 -8.56 -18.46 -16.77
C VAL B 76 -8.50 -19.35 -15.52
N GLY B 77 -9.64 -19.92 -15.14
CA GLY B 77 -9.75 -20.79 -13.98
C GLY B 77 -8.80 -21.97 -14.05
N GLU B 78 -8.59 -22.49 -15.26
CA GLU B 78 -7.70 -23.60 -15.52
C GLU B 78 -6.23 -23.20 -15.59
N ALA B 79 -5.94 -22.01 -16.11
CA ALA B 79 -4.56 -21.53 -16.18
C ALA B 79 -4.02 -21.14 -14.80
N ILE B 80 -4.89 -20.64 -13.94
CA ILE B 80 -4.53 -20.31 -12.55
C ILE B 80 -4.19 -21.60 -11.80
N GLN B 81 -5.01 -22.63 -12.02
CA GLN B 81 -4.81 -23.92 -11.37
C GLN B 81 -3.51 -24.57 -11.84
N LYS B 82 -3.26 -24.52 -13.15
CA LYS B 82 -2.02 -25.04 -13.75
C LYS B 82 -0.74 -24.35 -13.30
N SER B 83 -0.82 -23.06 -12.93
CA SER B 83 0.33 -22.29 -12.47
C SER B 83 0.78 -22.76 -11.09
N GLY B 84 -0.18 -23.20 -10.28
CA GLY B 84 0.09 -23.72 -8.95
C GLY B 84 0.36 -22.65 -7.91
N ILE B 85 0.09 -21.40 -8.28
CA ILE B 85 0.19 -20.30 -7.34
C ILE B 85 -1.07 -20.25 -6.46
N PRO B 86 -0.89 -20.33 -5.13
CA PRO B 86 -1.98 -20.31 -4.15
C PRO B 86 -3.10 -19.33 -4.52
N ARG B 87 -4.34 -19.75 -4.30
CA ARG B 87 -5.52 -18.93 -4.63
C ARG B 87 -5.50 -17.60 -3.87
N ALA B 88 -5.17 -17.66 -2.58
CA ALA B 88 -5.12 -16.47 -1.73
C ALA B 88 -4.03 -15.49 -2.16
N ASP B 89 -3.15 -15.94 -3.06
CA ASP B 89 -2.04 -15.12 -3.55
C ASP B 89 -2.38 -14.32 -4.80
N VAL B 90 -3.51 -14.68 -5.44
CA VAL B 90 -3.93 -14.08 -6.71
C VAL B 90 -5.14 -13.18 -6.52
N PHE B 91 -5.07 -11.98 -7.10
CA PHE B 91 -6.23 -11.12 -7.12
C PHE B 91 -7.00 -11.41 -8.41
N LEU B 92 -8.24 -11.86 -8.26
CA LEU B 92 -9.04 -12.30 -9.41
C LEU B 92 -10.31 -11.48 -9.58
N THR B 93 -10.47 -10.91 -10.77
CA THR B 93 -11.61 -10.05 -11.07
C THR B 93 -12.41 -10.67 -12.21
N THR B 94 -13.72 -10.70 -12.03
CA THR B 94 -14.64 -10.89 -13.17
C THR B 94 -15.76 -9.86 -13.16
N LYS B 95 -16.59 -9.90 -14.20
CA LYS B 95 -17.58 -8.87 -14.45
C LYS B 95 -18.89 -9.46 -14.93
N VAL B 96 -19.98 -8.98 -14.33
CA VAL B 96 -21.33 -9.40 -14.68
C VAL B 96 -21.77 -8.72 -15.98
N TRP B 97 -22.06 -9.53 -16.98
CA TRP B 97 -22.60 -9.02 -18.25
C TRP B 97 -24.03 -8.46 -18.09
N VAL B 98 -24.36 -7.48 -18.91
CA VAL B 98 -25.64 -6.75 -18.80
C VAL B 98 -26.87 -7.66 -18.95
N ASP B 99 -26.73 -8.74 -19.70
CA ASP B 99 -27.81 -9.72 -19.89
C ASP B 99 -28.19 -10.40 -18.58
N ASN B 100 -27.29 -10.33 -17.60
CA ASN B 100 -27.49 -10.97 -16.30
C ASN B 100 -27.82 -10.00 -15.17
N TYR B 101 -28.31 -8.81 -15.51
CA TYR B 101 -28.58 -7.78 -14.50
C TYR B 101 -29.87 -7.98 -13.69
N ARG B 102 -30.81 -8.76 -14.24
CA ARG B 102 -32.03 -9.11 -13.53
C ARG B 102 -31.67 -10.00 -12.34
N HIS B 103 -32.12 -9.61 -11.15
CA HIS B 103 -31.69 -10.22 -9.88
C HIS B 103 -31.36 -11.71 -9.95
N ASP B 104 -32.32 -12.51 -10.41
CA ASP B 104 -32.17 -13.96 -10.40
C ASP B 104 -31.09 -14.43 -11.38
N ALA B 105 -31.02 -13.76 -12.53
CA ALA B 105 -29.99 -14.04 -13.54
C ALA B 105 -28.57 -13.68 -13.03
N PHE B 106 -28.49 -12.58 -12.28
CA PHE B 106 -27.27 -12.11 -11.63
C PHE B 106 -26.65 -13.24 -10.82
N ILE B 107 -27.35 -13.65 -9.77
CA ILE B 107 -26.89 -14.65 -8.80
C ILE B 107 -26.37 -15.94 -9.47
N ALA B 108 -27.08 -16.40 -10.49
CA ALA B 108 -26.69 -17.63 -11.21
C ALA B 108 -25.47 -17.45 -12.10
N SER B 109 -25.35 -16.28 -12.72
CA SER B 109 -24.17 -15.95 -13.53
C SER B 109 -22.90 -15.94 -12.67
N VAL B 110 -23.03 -15.40 -11.45
CA VAL B 110 -21.94 -15.39 -10.46
C VAL B 110 -21.48 -16.82 -10.15
N ASP B 111 -22.42 -17.70 -9.84
CA ASP B 111 -22.12 -19.10 -9.55
C ASP B 111 -21.47 -19.80 -10.73
N GLU B 112 -21.97 -19.48 -11.93
CA GLU B 112 -21.44 -20.01 -13.18
C GLU B 112 -19.99 -19.56 -13.41
N SER B 113 -19.74 -18.26 -13.23
CA SER B 113 -18.39 -17.70 -13.26
C SER B 113 -17.48 -18.42 -12.26
N LEU B 114 -17.92 -18.50 -11.01
CA LEU B 114 -17.16 -19.19 -9.95
C LEU B 114 -16.84 -20.63 -10.35
N ARG B 115 -17.85 -21.35 -10.83
CA ARG B 115 -17.70 -22.70 -11.34
C ARG B 115 -16.60 -22.76 -12.40
N LYS B 116 -16.70 -21.89 -13.40
CA LYS B 116 -15.73 -21.81 -14.52
C LYS B 116 -14.33 -21.40 -14.05
N LEU B 117 -14.28 -20.50 -13.07
CA LEU B 117 -13.00 -20.01 -12.53
C LEU B 117 -12.37 -21.01 -11.57
N ARG B 118 -13.17 -21.98 -11.12
CA ARG B 118 -12.72 -23.06 -10.22
C ARG B 118 -12.33 -22.54 -8.83
N THR B 119 -13.23 -21.79 -8.21
CA THR B 119 -13.03 -21.23 -6.89
C THR B 119 -14.36 -20.77 -6.32
N ASP B 120 -14.44 -20.69 -4.99
CA ASP B 120 -15.68 -20.35 -4.31
C ASP B 120 -15.83 -18.84 -4.05
N HIS B 121 -14.87 -18.07 -4.56
CA HIS B 121 -14.92 -16.60 -4.42
C HIS B 121 -14.07 -15.91 -5.49
N VAL B 122 -14.45 -14.68 -5.83
CA VAL B 122 -13.59 -13.80 -6.61
C VAL B 122 -13.19 -12.65 -5.71
N ASP B 123 -12.03 -12.08 -5.97
CA ASP B 123 -11.59 -10.94 -5.16
C ASP B 123 -12.42 -9.71 -5.48
N LEU B 124 -12.77 -9.56 -6.76
CA LEU B 124 -13.52 -8.41 -7.21
C LEU B 124 -14.56 -8.79 -8.26
N LEU B 125 -15.76 -8.22 -8.12
CA LEU B 125 -16.84 -8.35 -9.09
C LEU B 125 -17.39 -6.99 -9.49
N LEU B 126 -17.36 -6.71 -10.80
CA LEU B 126 -17.82 -5.42 -11.31
C LEU B 126 -19.09 -5.55 -12.14
N LEU B 127 -19.96 -4.55 -12.07
CA LEU B 127 -20.99 -4.33 -13.09
C LEU B 127 -20.26 -3.83 -14.35
N HIS B 128 -20.38 -4.56 -15.46
CA HIS B 128 -19.54 -4.33 -16.65
C HIS B 128 -19.86 -3.00 -17.35
N TRP B 129 -21.14 -2.68 -17.46
CA TRP B 129 -21.59 -1.45 -18.11
C TRP B 129 -22.78 -0.85 -17.36
N PRO B 130 -22.91 0.48 -17.37
CA PRO B 130 -24.03 1.08 -16.64
C PRO B 130 -25.38 1.06 -17.38
N GLY B 131 -25.34 1.01 -18.72
CA GLY B 131 -26.56 1.03 -19.52
C GLY B 131 -27.39 -0.24 -19.40
N SER B 132 -28.61 -0.08 -18.89
CA SER B 132 -29.55 -1.20 -18.74
C SER B 132 -30.98 -0.75 -18.39
N ASP B 133 -31.96 -1.59 -18.73
CA ASP B 133 -33.35 -1.34 -18.34
C ASP B 133 -33.59 -1.73 -16.88
N VAL B 134 -32.80 -2.69 -16.40
CA VAL B 134 -32.83 -3.14 -15.00
C VAL B 134 -32.37 -2.01 -14.06
N PRO B 135 -33.22 -1.64 -13.08
CA PRO B 135 -32.89 -0.49 -12.23
C PRO B 135 -31.55 -0.67 -11.52
N ALA B 137 -30.62 0.27 -8.46
CA ALA B 137 -30.87 -0.25 -7.11
C ALA B 137 -30.85 -1.79 -7.03
N GLU B 138 -31.47 -2.45 -8.00
CA GLU B 138 -31.52 -3.90 -8.05
C GLU B 138 -30.15 -4.52 -8.31
N ARG B 139 -29.40 -3.93 -9.24
CA ARG B 139 -28.08 -4.42 -9.62
C ARG B 139 -27.09 -4.35 -8.46
N ILE B 140 -27.11 -3.22 -7.75
CA ILE B 140 -26.24 -3.00 -6.60
C ILE B 140 -26.62 -3.87 -5.39
N GLY B 141 -27.93 -4.07 -5.19
CA GLY B 141 -28.41 -5.01 -4.18
C GLY B 141 -27.84 -6.40 -4.41
N ALA B 142 -27.87 -6.85 -5.67
CA ALA B 142 -27.35 -8.15 -6.06
C ALA B 142 -25.83 -8.24 -5.90
N LEU B 143 -25.15 -7.11 -6.11
CA LEU B 143 -23.69 -7.03 -5.95
C LEU B 143 -23.33 -7.22 -4.47
N ASN B 144 -23.97 -6.43 -3.60
CA ASN B 144 -23.81 -6.54 -2.15
C ASN B 144 -24.21 -7.91 -1.59
N GLU B 145 -25.23 -8.52 -2.20
CA GLU B 145 -25.74 -9.82 -1.77
C GLU B 145 -24.71 -10.94 -1.93
N VAL B 146 -24.12 -11.05 -3.12
CA VAL B 146 -23.09 -12.05 -3.38
C VAL B 146 -21.78 -11.75 -2.61
N ARG B 147 -21.63 -10.50 -2.16
CA ARG B 147 -20.53 -10.17 -1.26
C ARG B 147 -20.76 -10.81 0.12
N ASN B 148 -21.90 -10.50 0.73
CA ASN B 148 -22.32 -11.12 1.99
C ASN B 148 -22.24 -12.65 1.95
N ALA B 149 -22.75 -13.22 0.87
CA ALA B 149 -22.71 -14.65 0.65
C ALA B 149 -21.27 -15.20 0.58
N GLY B 150 -20.30 -14.30 0.72
CA GLY B 150 -18.87 -14.66 0.71
C GLY B 150 -18.41 -15.21 -0.64
N LYS B 151 -19.12 -14.83 -1.70
CA LYS B 151 -18.76 -15.25 -3.04
C LYS B 151 -17.87 -14.20 -3.69
N VAL B 152 -17.92 -12.99 -3.15
CA VAL B 152 -17.17 -11.86 -3.67
C VAL B 152 -16.54 -11.05 -2.51
N ARG B 153 -15.22 -10.92 -2.50
CA ARG B 153 -14.54 -10.17 -1.44
C ARG B 153 -14.81 -8.67 -1.53
N HIS B 154 -14.70 -8.13 -2.75
CA HIS B 154 -14.94 -6.70 -2.97
C HIS B 154 -15.72 -6.48 -4.26
N ILE B 155 -16.42 -5.36 -4.32
CA ILE B 155 -17.31 -5.06 -5.43
C ILE B 155 -16.99 -3.73 -6.08
N GLY B 156 -17.31 -3.62 -7.36
CA GLY B 156 -17.07 -2.39 -8.08
C GLY B 156 -17.91 -2.22 -9.32
N ILE B 157 -17.58 -1.18 -10.08
CA ILE B 157 -18.34 -0.78 -11.26
C ILE B 157 -17.36 -0.66 -12.43
N SER B 158 -17.90 -0.56 -13.65
CA SER B 158 -17.06 -0.37 -14.83
C SER B 158 -17.78 0.48 -15.86
N ASN B 159 -17.05 1.43 -16.44
CA ASN B 159 -17.60 2.34 -17.45
C ASN B 159 -18.75 3.24 -16.95
N PHE B 160 -18.77 3.50 -15.64
CA PHE B 160 -19.76 4.40 -15.05
C PHE B 160 -19.25 5.83 -15.12
N ASN B 161 -20.14 6.78 -15.38
CA ASN B 161 -19.79 8.20 -15.33
C ASN B 161 -19.89 8.71 -13.88
N THR B 162 -19.56 9.97 -13.63
CA THR B 162 -19.44 10.46 -12.24
C THR B 162 -20.79 10.49 -11.50
N THR B 163 -21.85 10.86 -12.22
CA THR B 163 -23.20 10.79 -11.69
C THR B 163 -23.51 9.38 -11.20
N GLN B 164 -23.16 8.40 -12.01
CA GLN B 164 -23.45 7.00 -11.72
C GLN B 164 -22.54 6.42 -10.64
N GLU B 166 -21.33 8.28 -8.16
CA GLU B 166 -22.01 8.89 -7.00
C GLU B 166 -23.21 8.08 -6.55
N GLU B 167 -24.03 7.68 -7.51
CA GLU B 167 -25.23 6.88 -7.26
C GLU B 167 -24.89 5.45 -6.78
N ALA B 168 -23.85 4.85 -7.36
CA ALA B 168 -23.47 3.49 -6.99
C ALA B 168 -23.04 3.37 -5.53
N ALA B 169 -22.32 4.38 -5.05
CA ALA B 169 -21.80 4.41 -3.69
C ALA B 169 -22.94 4.63 -2.69
N ARG B 170 -23.88 5.51 -3.03
CA ARG B 170 -25.06 5.77 -2.18
C ARG B 170 -25.93 4.53 -1.98
N LEU B 171 -26.15 3.78 -3.05
CA LEU B 171 -26.96 2.56 -2.99
C LEU B 171 -26.27 1.40 -2.29
N SER B 172 -24.94 1.34 -2.41
CA SER B 172 -24.18 0.20 -1.89
C SER B 172 -23.98 0.29 -0.39
N ASP B 173 -24.05 -0.87 0.28
CA ASP B 173 -23.76 -0.97 1.70
C ASP B 173 -22.26 -1.02 1.92
N ALA B 174 -21.61 -1.88 1.15
CA ALA B 174 -20.15 -1.94 1.05
C ALA B 174 -19.61 -0.75 0.25
N PRO B 175 -18.36 -0.33 0.54
CA PRO B 175 -17.68 0.61 -0.34
C PRO B 175 -17.53 0.04 -1.76
N ILE B 176 -17.61 0.91 -2.75
CA ILE B 176 -17.29 0.55 -4.14
C ILE B 176 -15.76 0.64 -4.31
N ALA B 177 -15.12 -0.47 -4.66
CA ALA B 177 -13.65 -0.56 -4.70
C ALA B 177 -13.00 0.24 -5.83
N THR B 178 -13.55 0.14 -7.05
CA THR B 178 -12.92 0.71 -8.24
C THR B 178 -13.95 0.96 -9.34
N ASN B 179 -13.63 1.90 -10.21
CA ASN B 179 -14.34 2.08 -11.48
C ASN B 179 -13.37 1.78 -12.61
N GLN B 180 -13.60 0.65 -13.30
CA GLN B 180 -12.74 0.25 -14.42
C GLN B 180 -13.23 0.94 -15.69
N VAL B 181 -12.37 1.77 -16.26
CA VAL B 181 -12.73 2.60 -17.40
C VAL B 181 -11.58 2.59 -18.40
N GLU B 182 -11.87 2.99 -19.63
CA GLU B 182 -10.85 3.15 -20.63
C GLU B 182 -9.98 4.29 -20.15
N TYR B 183 -8.66 4.11 -20.12
CA TYR B 183 -7.78 5.20 -19.71
C TYR B 183 -6.41 5.03 -20.35
N HIS B 184 -6.01 6.04 -21.10
CA HIS B 184 -4.74 6.07 -21.81
C HIS B 184 -4.47 7.55 -22.08
N PRO B 185 -3.30 7.88 -22.64
CA PRO B 185 -2.96 9.31 -22.76
C PRO B 185 -3.88 10.14 -23.64
N TYR B 186 -4.66 9.50 -24.52
CA TYR B 186 -5.52 10.23 -25.46
C TYR B 186 -6.91 10.49 -24.92
N LEU B 187 -7.23 9.91 -23.77
CA LEU B 187 -8.54 10.10 -23.18
C LEU B 187 -8.45 10.73 -21.78
N ASP B 188 -8.91 11.97 -21.66
CA ASP B 188 -8.85 12.70 -20.39
C ASP B 188 -9.81 12.08 -19.37
N GLN B 189 -9.32 11.75 -18.19
CA GLN B 189 -10.21 11.21 -17.16
C GLN B 189 -10.26 12.06 -15.89
N THR B 190 -10.05 13.37 -16.05
CA THR B 190 -9.97 14.30 -14.90
C THR B 190 -11.17 14.18 -13.99
N LYS B 191 -12.36 14.34 -14.56
CA LYS B 191 -13.60 14.34 -13.77
C LYS B 191 -13.81 13.02 -13.03
N VAL B 192 -13.62 11.90 -13.71
CA VAL B 192 -13.78 10.59 -13.10
C VAL B 192 -12.77 10.37 -11.98
N LEU B 193 -11.53 10.80 -12.19
CA LEU B 193 -10.48 10.67 -11.17
C LEU B 193 -10.86 11.46 -9.90
N GLN B 194 -11.21 12.72 -10.09
CA GLN B 194 -11.57 13.59 -8.96
C GLN B 194 -12.70 12.98 -8.14
N THR B 195 -13.72 12.50 -8.84
CA THR B 195 -14.84 11.83 -8.19
C THR B 195 -14.43 10.53 -7.52
N ALA B 196 -13.59 9.74 -8.19
CA ALA B 196 -13.10 8.49 -7.61
C ALA B 196 -12.41 8.72 -6.27
N ARG B 197 -11.55 9.73 -6.23
CA ARG B 197 -10.78 10.07 -5.03
C ARG B 197 -11.66 10.58 -3.90
N ARG B 198 -12.62 11.43 -4.24
CA ARG B 198 -13.56 11.97 -3.27
C ARG B 198 -14.37 10.82 -2.63
N LEU B 199 -14.66 9.79 -3.42
CA LEU B 199 -15.44 8.64 -2.93
C LEU B 199 -14.59 7.49 -2.42
N GLY B 200 -13.27 7.62 -2.58
CA GLY B 200 -12.36 6.62 -2.05
C GLY B 200 -12.13 5.41 -2.95
N SER B 202 -10.68 3.52 -6.51
CA SER B 202 -9.62 3.68 -7.48
C SER B 202 -10.20 3.71 -8.89
N LEU B 203 -9.31 3.88 -9.86
CA LEU B 203 -9.64 3.78 -11.25
C LEU B 203 -8.77 2.68 -11.87
N THR B 204 -9.39 1.71 -12.52
CA THR B 204 -8.67 0.64 -13.22
C THR B 204 -8.69 0.93 -14.71
N SER B 205 -7.51 1.09 -15.29
CA SER B 205 -7.39 1.42 -16.69
C SER B 205 -7.43 0.18 -17.60
N TYR B 206 -8.24 0.23 -18.64
CA TYR B 206 -8.03 -0.64 -19.79
C TYR B 206 -7.72 0.17 -21.06
N TYR B 207 -7.21 -0.52 -22.08
CA TYR B 207 -6.78 0.09 -23.34
C TYR B 207 -5.61 1.08 -23.19
N ALA B 208 -4.67 0.74 -22.30
CA ALA B 208 -3.50 1.61 -22.05
C ALA B 208 -2.72 1.90 -23.34
N ALA B 210 -4.05 2.21 -26.27
CA ALA B 210 -4.93 3.01 -27.15
C ALA B 210 -5.02 2.41 -28.55
N ASN B 211 -5.16 1.10 -28.61
CA ASN B 211 -5.40 0.38 -29.86
C ASN B 211 -4.24 0.52 -30.82
N GLY B 212 -3.03 0.61 -30.28
CA GLY B 212 -1.81 0.72 -31.08
C GLY B 212 -1.31 2.14 -31.30
N LYS B 213 -2.10 3.14 -30.90
CA LYS B 213 -1.65 4.54 -30.98
C LYS B 213 -0.38 4.80 -30.15
N VAL B 214 -0.31 4.20 -28.95
CA VAL B 214 0.79 4.42 -28.03
C VAL B 214 2.18 4.06 -28.59
N PRO B 215 2.35 2.81 -29.07
CA PRO B 215 3.67 2.44 -29.60
C PRO B 215 4.18 3.31 -30.75
N ALA B 216 3.28 3.98 -31.45
CA ALA B 216 3.63 4.80 -32.60
C ALA B 216 3.74 6.29 -32.28
N ASP B 217 3.62 6.64 -31.00
CA ASP B 217 3.62 8.04 -30.58
C ASP B 217 5.05 8.60 -30.51
N PRO B 218 5.32 9.71 -31.21
CA PRO B 218 6.68 10.29 -31.18
C PRO B 218 7.10 10.84 -29.80
N LEU B 219 6.17 11.46 -29.07
CA LEU B 219 6.48 11.95 -27.71
C LEU B 219 6.79 10.81 -26.75
N LEU B 220 5.97 9.77 -26.78
CA LEU B 220 6.15 8.62 -25.90
C LEU B 220 7.42 7.85 -26.20
N THR B 221 7.78 7.75 -27.48
CA THR B 221 9.01 7.07 -27.88
C THR B 221 10.25 7.85 -27.41
N GLU B 222 10.18 9.18 -27.51
CA GLU B 222 11.28 10.04 -27.08
C GLU B 222 11.45 9.93 -25.57
N ILE B 223 10.35 10.09 -24.82
CA ILE B 223 10.40 9.97 -23.36
C ILE B 223 10.98 8.61 -22.96
N GLY B 224 10.55 7.55 -23.65
CA GLY B 224 11.06 6.20 -23.42
C GLY B 224 12.57 6.09 -23.59
N GLY B 225 13.08 6.67 -24.68
CA GLY B 225 14.52 6.72 -24.96
C GLY B 225 15.35 7.20 -23.78
N ARG B 226 14.87 8.24 -23.09
CA ARG B 226 15.54 8.79 -21.91
C ARG B 226 15.65 7.81 -20.75
N HIS B 227 14.73 6.85 -20.68
CA HIS B 227 14.69 5.90 -19.57
C HIS B 227 15.12 4.49 -19.97
N GLY B 228 15.45 4.30 -21.25
CA GLY B 228 15.72 2.97 -21.78
C GLY B 228 14.45 2.14 -21.81
N LYS B 229 13.34 2.78 -22.14
CA LYS B 229 12.06 2.10 -22.13
C LYS B 229 11.32 2.31 -23.45
N THR B 230 10.34 1.46 -23.72
CA THR B 230 9.51 1.62 -24.91
C THR B 230 8.39 2.60 -24.66
N ALA B 231 7.85 3.19 -25.73
CA ALA B 231 6.66 4.03 -25.65
C ALA B 231 5.51 3.34 -24.89
N ALA B 232 5.42 2.02 -25.05
CA ALA B 232 4.41 1.22 -24.36
C ALA B 232 4.64 1.28 -22.84
N GLN B 233 5.89 1.11 -22.43
CA GLN B 233 6.23 1.10 -21.01
C GLN B 233 6.04 2.48 -20.40
N VAL B 234 6.25 3.53 -21.19
CA VAL B 234 6.01 4.92 -20.74
C VAL B 234 4.52 5.14 -20.44
N ALA B 235 3.65 4.69 -21.35
CA ALA B 235 2.21 4.80 -21.15
C ALA B 235 1.75 4.04 -19.91
N LEU B 236 2.20 2.80 -19.76
CA LEU B 236 1.85 2.00 -18.58
C LEU B 236 2.34 2.67 -17.29
N ARG B 237 3.55 3.23 -17.34
CA ARG B 237 4.12 3.92 -16.19
C ARG B 237 3.33 5.18 -15.85
N TRP B 238 2.97 5.96 -16.87
CA TRP B 238 2.18 7.16 -16.71
C TRP B 238 0.86 6.88 -15.98
N LEU B 239 0.26 5.72 -16.23
CA LEU B 239 -0.96 5.32 -15.52
C LEU B 239 -0.69 4.94 -14.06
N VAL B 240 0.25 4.01 -13.87
CA VAL B 240 0.55 3.44 -12.57
C VAL B 240 1.22 4.45 -11.61
N GLN B 241 1.79 5.51 -12.19
CA GLN B 241 2.45 6.56 -11.42
C GLN B 241 1.43 7.57 -10.84
N GLN B 242 0.21 7.59 -11.38
CA GLN B 242 -0.84 8.45 -10.82
C GLN B 242 -1.45 7.82 -9.58
N GLN B 243 -1.81 8.67 -8.62
CA GLN B 243 -2.46 8.23 -7.39
C GLN B 243 -3.78 7.54 -7.70
N ASP B 244 -4.00 6.37 -7.11
CA ASP B 244 -5.28 5.65 -7.19
C ASP B 244 -5.57 4.98 -8.55
N VAL B 245 -4.53 4.77 -9.37
CA VAL B 245 -4.71 4.18 -10.71
C VAL B 245 -4.08 2.79 -10.82
N ILE B 246 -4.85 1.86 -11.37
CA ILE B 246 -4.43 0.50 -11.64
C ILE B 246 -4.40 0.34 -13.16
N VAL B 247 -3.45 -0.44 -13.67
CA VAL B 247 -3.45 -0.68 -15.11
C VAL B 247 -3.55 -2.17 -15.45
N LEU B 248 -4.37 -2.47 -16.45
CA LEU B 248 -4.44 -3.81 -17.02
C LEU B 248 -3.65 -3.86 -18.34
N SER B 249 -2.82 -4.88 -18.48
CA SER B 249 -2.09 -5.05 -19.72
C SER B 249 -2.64 -6.25 -20.47
N LYS B 250 -2.61 -6.16 -21.80
CA LYS B 250 -2.96 -7.26 -22.69
C LYS B 250 -1.68 -7.79 -23.33
N THR B 251 -1.38 -9.06 -23.07
CA THR B 251 -0.15 -9.66 -23.59
C THR B 251 -0.38 -11.01 -24.25
N ALA B 252 -0.09 -11.08 -25.55
CA ALA B 252 -0.27 -12.30 -26.33
C ALA B 252 1.06 -12.88 -26.82
N THR B 253 2.17 -12.34 -26.32
CA THR B 253 3.50 -12.92 -26.56
C THR B 253 4.34 -12.82 -25.28
N GLU B 254 5.41 -13.60 -25.21
CA GLU B 254 6.32 -13.58 -24.07
C GLU B 254 7.15 -12.30 -24.03
N ALA B 255 7.48 -11.78 -25.21
CA ALA B 255 8.23 -10.52 -25.31
C ALA B 255 7.47 -9.40 -24.62
N ARG B 256 6.20 -9.23 -24.97
CA ARG B 256 5.36 -8.18 -24.39
C ARG B 256 5.10 -8.41 -22.91
N LEU B 257 5.02 -9.67 -22.50
CA LEU B 257 4.84 -10.04 -21.08
C LEU B 257 5.90 -9.42 -20.17
N LYS B 258 7.16 -9.62 -20.50
CA LYS B 258 8.27 -9.17 -19.68
C LYS B 258 8.38 -7.65 -19.71
N GLU B 259 8.18 -7.09 -20.89
CA GLU B 259 8.22 -5.65 -21.09
C GLU B 259 7.16 -4.93 -20.24
N ASN B 260 5.93 -5.42 -20.28
CA ASN B 260 4.83 -4.80 -19.54
C ASN B 260 5.02 -4.88 -18.01
N PHE B 261 5.69 -5.94 -17.57
CA PHE B 261 5.92 -6.16 -16.15
C PHE B 261 7.01 -5.23 -15.63
N ALA B 262 7.92 -4.82 -16.52
CA ALA B 262 9.09 -4.02 -16.13
C ALA B 262 8.76 -2.52 -16.12
N ILE B 263 7.84 -2.11 -15.23
CA ILE B 263 7.40 -0.71 -15.17
C ILE B 263 7.55 -0.09 -13.76
N PHE B 264 8.20 -0.80 -12.84
CA PHE B 264 8.40 -0.30 -11.48
C PHE B 264 9.86 -0.01 -11.16
N ASP B 265 10.72 -0.18 -12.15
CA ASP B 265 12.15 0.07 -11.99
C ASP B 265 12.54 1.45 -12.52
N PHE B 266 11.55 2.23 -12.94
CA PHE B 266 11.77 3.60 -13.40
C PHE B 266 10.57 4.49 -13.04
N ALA B 267 10.76 5.80 -13.13
CA ALA B 267 9.67 6.75 -12.88
C ALA B 267 9.76 7.91 -13.86
N LEU B 268 8.60 8.38 -14.33
CA LEU B 268 8.58 9.54 -15.18
C LEU B 268 8.79 10.80 -14.33
N THR B 269 9.37 11.84 -14.93
CA THR B 269 9.58 13.12 -14.24
C THR B 269 8.29 13.93 -14.20
N ARG B 270 8.26 14.96 -13.36
CA ARG B 270 7.12 15.87 -13.28
C ARG B 270 6.79 16.45 -14.66
N GLU B 271 7.84 16.89 -15.38
CA GLU B 271 7.70 17.43 -16.73
C GLU B 271 7.11 16.39 -17.70
N GLU B 272 7.63 15.17 -17.64
CA GLU B 272 7.16 14.09 -18.52
C GLU B 272 5.70 13.73 -18.24
N ALA B 274 3.50 15.72 -17.13
CA ALA B 274 2.78 16.86 -17.68
C ALA B 274 2.65 16.78 -19.21
N ALA B 275 3.75 16.43 -19.88
CA ALA B 275 3.79 16.31 -21.34
C ALA B 275 2.82 15.25 -21.88
N VAL B 276 2.74 14.11 -21.18
CA VAL B 276 1.90 13.00 -21.61
C VAL B 276 0.44 13.37 -21.45
N ARG B 277 0.14 14.06 -20.35
CA ARG B 277 -1.21 14.52 -20.05
C ARG B 277 -1.77 15.41 -21.17
N GLU B 278 -0.88 16.16 -21.84
CA GLU B 278 -1.22 17.05 -22.97
C GLU B 278 -1.64 16.30 -24.27
N LEU B 279 -1.60 14.98 -24.25
CA LEU B 279 -1.94 14.20 -25.44
C LEU B 279 -3.45 13.96 -25.55
N ALA B 280 -4.18 14.29 -24.49
CA ALA B 280 -5.64 14.09 -24.45
C ALA B 280 -6.36 14.84 -25.56
N ARG B 281 -7.29 14.14 -26.21
CA ARG B 281 -8.05 14.66 -27.35
C ARG B 281 -9.55 14.43 -27.12
N PRO B 282 -10.41 15.32 -27.67
CA PRO B 282 -11.86 15.15 -27.48
C PRO B 282 -12.41 13.88 -28.10
N ASN B 283 -11.69 13.33 -29.08
CA ASN B 283 -12.15 12.12 -29.77
C ASN B 283 -11.23 10.93 -29.47
N GLY B 284 -10.59 10.96 -28.31
CA GLY B 284 -9.67 9.89 -27.92
C GLY B 284 -10.34 8.60 -27.49
N ARG B 285 -11.64 8.65 -27.17
CA ARG B 285 -12.33 7.44 -26.69
C ARG B 285 -12.51 6.40 -27.80
N ILE B 286 -12.20 5.15 -27.46
CA ILE B 286 -12.25 4.04 -28.42
C ILE B 286 -13.51 3.21 -28.22
N VAL B 287 -13.81 2.87 -26.97
CA VAL B 287 -14.93 1.98 -26.66
C VAL B 287 -16.18 2.78 -26.27
N ASN B 288 -17.22 2.68 -27.10
CA ASN B 288 -18.43 3.47 -26.91
C ASN B 288 -19.68 2.75 -27.43
N PRO B 289 -19.99 1.56 -26.88
CA PRO B 289 -21.13 0.80 -27.40
C PRO B 289 -22.48 1.45 -27.07
N GLN B 290 -23.28 1.69 -28.10
CA GLN B 290 -24.58 2.34 -27.91
C GLN B 290 -25.46 1.48 -27.01
N GLY B 291 -26.08 2.11 -26.01
CA GLY B 291 -26.94 1.39 -25.08
C GLY B 291 -26.25 0.93 -23.81
N LEU B 292 -24.97 0.59 -23.90
CA LEU B 292 -24.18 0.16 -22.75
C LEU B 292 -23.43 1.35 -22.15
N ALA B 293 -22.89 2.19 -23.02
CA ALA B 293 -22.16 3.38 -22.59
C ALA B 293 -23.12 4.40 -21.99
N PRO B 294 -22.66 5.14 -20.96
CA PRO B 294 -23.51 6.22 -20.45
C PRO B 294 -23.21 7.49 -21.22
N GLU B 295 -23.92 8.57 -20.89
CA GLU B 295 -23.53 9.89 -21.29
C GLU B 295 -22.23 10.22 -20.53
N TRP B 296 -21.08 10.01 -21.18
CA TRP B 296 -19.78 10.27 -20.55
C TRP B 296 -19.66 11.71 -20.05
N ASP B 297 -18.88 11.92 -18.98
CA ASP B 297 -18.60 13.26 -18.49
C ASP B 297 -17.91 14.10 -19.57
N ALA B 298 -18.41 15.31 -19.75
CA ALA B 298 -18.00 16.15 -20.87
C ALA B 298 -16.97 17.21 -20.48
#